data_6JBZ
#
_entry.id   6JBZ
#
_cell.length_a   114.076
_cell.length_b   114.076
_cell.length_c   121.369
_cell.angle_alpha   90.00
_cell.angle_beta   90.00
_cell.angle_gamma   90.00
#
_symmetry.space_group_name_H-M   'P 43 21 2'
#
loop_
_entity.id
_entity.type
_entity.pdbx_description
1 polymer 'Molybdenum cofactor biosynthesis protein E'
2 polymer 'MoaD/ThiS family protein'
3 non-polymer 'SULFATE ION'
4 water water
#
loop_
_entity_poly.entity_id
_entity_poly.type
_entity_poly.pdbx_seq_one_letter_code
_entity_poly.pdbx_strand_id
1 'polypeptide(L)'
;MTQVLRAALTDQPIFLAEHEELVSHRSAGAIVGFVGMIRDRDGGRGVLRLEYSAHPSAAQVLADLVAEVAEESSGVRAVA
ASHRIGVLQVGEAALVAAVAADHRRAAFGTCAHLVETIKARLPVWKHQFFEDGTDEWVGSV
;
A,C
2 'polypeptide(L)'
;MTQVSDESAGIQVTVRYFAAARAAAGAGSEKVTLRSGATVAELIDGLSVRDVRLATVLSRCSYLRDGIVVRDDAVALSAG
DTIDVLPPFAGG
;
B,D
#
# COMPACT_ATOMS: atom_id res chain seq x y z
N MET A 1 -1.49 -15.41 16.03
CA MET A 1 -2.30 -14.35 16.60
C MET A 1 -2.00 -12.98 16.00
N THR A 2 -2.61 -12.62 14.87
CA THR A 2 -2.32 -11.34 14.26
C THR A 2 -2.66 -10.27 15.23
N GLN A 3 -1.82 -9.26 15.33
CA GLN A 3 -2.01 -8.26 16.35
C GLN A 3 -2.29 -6.88 15.88
N VAL A 4 -3.00 -6.17 16.73
CA VAL A 4 -3.42 -4.84 16.51
C VAL A 4 -2.62 -3.94 17.40
N LEU A 5 -1.70 -3.24 16.80
CA LEU A 5 -0.97 -2.18 17.43
C LEU A 5 -1.75 -0.92 17.70
N ARG A 6 -2.66 -0.55 16.81
CA ARG A 6 -3.49 0.59 17.04
C ARG A 6 -4.78 0.58 16.32
N ALA A 7 -5.81 1.09 16.96
CA ALA A 7 -7.05 1.38 16.29
C ALA A 7 -7.66 2.64 16.84
N ALA A 8 -7.04 3.77 16.56
CA ALA A 8 -7.31 5.02 17.22
C ALA A 8 -8.19 6.02 16.49
N LEU A 9 -9.11 6.62 17.25
CA LEU A 9 -9.94 7.75 16.80
C LEU A 9 -9.44 8.99 17.53
N THR A 10 -9.04 10.02 16.80
CA THR A 10 -8.37 11.14 17.45
C THR A 10 -8.60 12.47 16.75
N ASP A 11 -8.46 13.56 17.48
CA ASP A 11 -8.43 14.87 16.84
C ASP A 11 -6.99 15.42 16.67
N GLN A 12 -6.00 14.56 16.89
CA GLN A 12 -4.59 14.91 16.69
C GLN A 12 -4.10 14.50 15.30
N PRO A 13 -3.07 15.19 14.78
CA PRO A 13 -2.44 14.77 13.53
C PRO A 13 -1.97 13.32 13.57
N ILE A 14 -2.18 12.59 12.48
CA ILE A 14 -1.77 11.19 12.42
C ILE A 14 -0.69 11.00 11.35
N PHE A 15 0.13 9.98 11.52
CA PHE A 15 1.32 9.81 10.69
C PHE A 15 1.53 8.40 10.15
N LEU A 16 1.68 8.28 8.84
CA LEU A 16 2.02 7.01 8.22
C LEU A 16 3.28 6.39 8.84
N ALA A 17 4.31 7.21 9.06
CA ALA A 17 5.60 6.71 9.52
C ALA A 17 5.46 6.05 10.88
N GLU A 18 4.62 6.65 11.70
CA GLU A 18 4.40 6.14 13.02
C GLU A 18 3.77 4.75 12.98
N HIS A 19 2.83 4.53 12.07
CA HIS A 19 2.12 3.26 11.95
C HIS A 19 2.99 2.20 11.28
N GLU A 20 3.83 2.62 10.35
CA GLU A 20 4.86 1.74 9.80
C GLU A 20 5.77 1.22 10.92
N GLU A 21 6.20 2.12 11.78
CA GLU A 21 7.05 1.80 12.91
C GLU A 21 6.39 0.80 13.86
N LEU A 22 5.09 0.97 14.08
CA LEU A 22 4.32 0.12 14.99
C LEU A 22 4.13 -1.32 14.55
N VAL A 23 3.87 -1.54 13.27
CA VAL A 23 3.55 -2.86 12.79
C VAL A 23 4.81 -3.64 12.38
N SER A 24 5.97 -3.03 12.55
CA SER A 24 7.21 -3.74 12.27
C SER A 24 7.24 -5.03 13.08
N HIS A 25 7.72 -6.08 12.44
CA HIS A 25 7.76 -7.39 13.05
C HIS A 25 8.89 -8.13 12.41
N ARG A 26 9.67 -8.81 13.24
CA ARG A 26 10.90 -9.44 12.77
C ARG A 26 10.63 -10.48 11.69
N SER A 27 9.40 -10.98 11.61
CA SER A 27 9.10 -11.98 10.59
C SER A 27 8.35 -11.43 9.39
N ALA A 28 8.04 -10.14 9.39
CA ALA A 28 7.39 -9.50 8.24
C ALA A 28 8.41 -9.13 7.16
N GLY A 29 8.13 -9.54 5.92
CA GLY A 29 8.96 -9.15 4.79
C GLY A 29 8.34 -8.03 3.94
N ALA A 30 7.06 -7.71 4.19
CA ALA A 30 6.42 -6.61 3.50
C ALA A 30 5.59 -5.79 4.45
N ILE A 31 5.71 -4.47 4.30
CA ILE A 31 4.78 -3.54 4.93
C ILE A 31 4.11 -2.74 3.80
N VAL A 32 2.83 -2.48 3.97
CA VAL A 32 2.12 -1.63 3.06
C VAL A 32 1.39 -0.62 3.92
N GLY A 33 1.44 0.64 3.54
CA GLY A 33 0.77 1.68 4.27
C GLY A 33 -0.16 2.51 3.43
N PHE A 34 -1.21 3.01 4.03
CA PHE A 34 -2.18 3.85 3.36
C PHE A 34 -2.31 5.17 4.05
N VAL A 35 -2.27 6.24 3.30
CA VAL A 35 -2.70 7.50 3.82
C VAL A 35 -3.75 8.12 2.96
N GLY A 36 -4.83 8.56 3.56
CA GLY A 36 -5.87 9.26 2.85
C GLY A 36 -5.88 10.69 3.28
N MET A 37 -5.59 11.58 2.37
CA MET A 37 -5.47 12.98 2.69
C MET A 37 -6.49 13.81 1.98
N ILE A 38 -6.65 15.04 2.39
CA ILE A 38 -7.68 15.84 1.77
C ILE A 38 -7.18 16.41 0.49
N ARG A 39 -7.93 16.19 -0.57
CA ARG A 39 -7.61 16.75 -1.87
C ARG A 39 -7.91 18.20 -1.93
N ASP A 40 -7.23 18.86 -2.82
CA ASP A 40 -7.46 20.24 -3.14
C ASP A 40 -8.76 20.59 -3.86
N ARG A 41 -9.34 19.66 -4.58
CA ARG A 41 -10.52 19.90 -5.35
C ARG A 41 -11.49 18.76 -5.16
N ASP A 42 -12.77 19.03 -5.30
CA ASP A 42 -13.78 17.99 -5.44
C ASP A 42 -14.90 18.41 -6.36
N GLY A 43 -15.20 17.64 -7.37
CA GLY A 43 -16.28 17.97 -8.28
C GLY A 43 -16.04 19.30 -8.92
N GLY A 44 -14.77 19.58 -9.16
CA GLY A 44 -14.37 20.78 -9.81
C GLY A 44 -14.26 22.02 -8.95
N ARG A 45 -14.53 21.90 -7.67
CA ARG A 45 -14.45 23.05 -6.80
C ARG A 45 -13.28 22.96 -5.89
N GLY A 46 -12.68 24.11 -5.62
CA GLY A 46 -11.61 24.22 -4.67
C GLY A 46 -12.04 24.07 -3.25
N VAL A 47 -11.28 23.32 -2.51
CA VAL A 47 -11.63 22.92 -1.17
C VAL A 47 -10.94 23.83 -0.19
N LEU A 48 -11.68 24.27 0.81
CA LEU A 48 -11.14 25.11 1.80
C LEU A 48 -10.73 24.34 3.03
N ARG A 49 -11.59 23.46 3.47
CA ARG A 49 -11.34 22.58 4.59
C ARG A 49 -12.36 21.46 4.68
N LEU A 50 -12.10 20.46 5.52
CA LEU A 50 -13.04 19.40 5.77
C LEU A 50 -13.27 19.32 7.24
N GLU A 51 -14.49 19.05 7.63
CA GLU A 51 -14.79 18.80 9.02
C GLU A 51 -15.38 17.44 9.22
N TYR A 52 -14.75 16.67 10.08
CA TYR A 52 -15.11 15.30 10.35
C TYR A 52 -15.75 15.17 11.68
N SER A 53 -16.88 14.51 11.73
CA SER A 53 -17.57 14.28 12.98
C SER A 53 -17.83 12.83 13.17
N ALA A 54 -18.01 12.43 14.41
CA ALA A 54 -18.11 11.01 14.68
C ALA A 54 -19.23 10.70 15.66
N HIS A 55 -19.97 9.64 15.39
CA HIS A 55 -20.93 9.14 16.37
C HIS A 55 -20.19 8.79 17.65
N PRO A 56 -20.86 8.91 18.81
CA PRO A 56 -20.24 8.50 20.08
C PRO A 56 -19.68 7.06 20.04
N SER A 57 -20.18 6.20 19.17
CA SER A 57 -19.74 4.81 19.18
C SER A 57 -18.51 4.55 18.31
N ALA A 58 -18.04 5.57 17.60
CA ALA A 58 -17.04 5.36 16.56
C ALA A 58 -15.72 4.77 17.07
N ALA A 59 -15.23 5.23 18.22
CA ALA A 59 -13.97 4.71 18.76
C ALA A 59 -14.05 3.21 19.00
N GLN A 60 -15.19 2.77 19.51
CA GLN A 60 -15.42 1.36 19.77
C GLN A 60 -15.59 0.57 18.47
N VAL A 61 -16.41 1.08 17.55
CA VAL A 61 -16.59 0.44 16.26
C VAL A 61 -15.25 0.32 15.54
N LEU A 62 -14.44 1.38 15.59
CA LEU A 62 -13.14 1.38 14.92
C LEU A 62 -12.28 0.24 15.43
N ALA A 63 -12.22 0.10 16.75
CA ALA A 63 -11.41 -0.92 17.38
C ALA A 63 -11.93 -2.31 17.01
N ASP A 64 -13.25 -2.48 17.02
CA ASP A 64 -13.84 -3.75 16.59
C ASP A 64 -13.52 -4.09 15.13
N LEU A 65 -13.54 -3.07 14.28
CA LEU A 65 -13.26 -3.25 12.86
C LEU A 65 -11.80 -3.67 12.61
N VAL A 66 -10.86 -2.99 13.26
CA VAL A 66 -9.45 -3.33 13.08
C VAL A 66 -9.17 -4.73 13.63
N ALA A 67 -9.74 -5.03 14.80
CA ALA A 67 -9.68 -6.36 15.40
C ALA A 67 -10.22 -7.44 14.46
N GLU A 68 -11.33 -7.13 13.79
CA GLU A 68 -11.97 -8.11 12.93
C GLU A 68 -11.16 -8.37 11.67
N VAL A 69 -10.67 -7.31 11.06
CA VAL A 69 -9.91 -7.45 9.84
C VAL A 69 -8.65 -8.25 10.14
N ALA A 70 -8.09 -8.03 11.34
CA ALA A 70 -6.86 -8.69 11.79
C ALA A 70 -7.06 -10.20 11.98
N GLU A 71 -8.12 -10.57 12.69
CA GLU A 71 -8.44 -11.96 12.98
C GLU A 71 -8.80 -12.76 11.73
N GLU A 72 -9.51 -12.14 10.80
CA GLU A 72 -9.90 -12.82 9.57
C GLU A 72 -8.76 -12.91 8.56
N SER A 73 -7.64 -12.26 8.85
CA SER A 73 -6.52 -12.26 7.94
C SER A 73 -5.70 -13.52 8.01
N SER A 74 -4.97 -13.81 6.94
CA SER A 74 -3.91 -14.81 6.98
C SER A 74 -2.68 -14.19 6.39
N GLY A 75 -1.52 -14.57 6.92
CA GLY A 75 -0.27 -14.10 6.38
C GLY A 75 0.14 -12.75 6.93
N VAL A 76 -0.63 -12.23 7.88
CA VAL A 76 -0.38 -10.89 8.39
C VAL A 76 0.08 -10.93 9.84
N ARG A 77 1.27 -10.37 10.08
CA ARG A 77 1.82 -10.22 11.43
C ARG A 77 1.10 -9.20 12.28
N ALA A 78 0.94 -7.99 11.77
CA ALA A 78 0.42 -6.90 12.58
C ALA A 78 -0.28 -5.85 11.73
N VAL A 79 -1.28 -5.21 12.33
CA VAL A 79 -1.99 -4.10 11.69
C VAL A 79 -2.10 -2.90 12.63
N ALA A 80 -2.28 -1.72 12.07
CA ALA A 80 -2.48 -0.50 12.85
C ALA A 80 -3.20 0.52 12.01
N ALA A 81 -4.23 1.14 12.56
CA ALA A 81 -4.95 2.18 11.85
C ALA A 81 -5.36 3.32 12.79
N SER A 82 -5.40 4.54 12.26
CA SER A 82 -5.97 5.69 12.97
C SER A 82 -6.92 6.43 12.05
N HIS A 83 -8.00 6.94 12.60
CA HIS A 83 -8.83 7.87 11.84
C HIS A 83 -8.88 9.16 12.61
N ARG A 84 -8.60 10.26 11.91
CA ARG A 84 -8.62 11.58 12.52
C ARG A 84 -9.99 12.22 12.39
N ILE A 85 -10.39 13.01 13.37
CA ILE A 85 -11.63 13.76 13.23
C ILE A 85 -11.39 15.19 13.67
N GLY A 86 -12.41 16.03 13.51
CA GLY A 86 -12.26 17.45 13.78
C GLY A 86 -11.97 18.23 12.51
N VAL A 87 -11.25 19.33 12.64
CA VAL A 87 -11.00 20.18 11.50
C VAL A 87 -9.69 19.83 10.83
N LEU A 88 -9.78 19.46 9.55
CA LEU A 88 -8.62 19.11 8.75
C LEU A 88 -8.39 20.12 7.62
N GLN A 89 -7.13 20.51 7.44
CA GLN A 89 -6.75 21.39 6.36
C GLN A 89 -6.58 20.59 5.08
N VAL A 90 -6.65 21.26 3.93
CA VAL A 90 -6.35 20.60 2.66
C VAL A 90 -4.95 20.04 2.75
N GLY A 91 -4.76 18.77 2.35
CA GLY A 91 -3.45 18.16 2.40
C GLY A 91 -3.17 17.30 3.62
N GLU A 92 -4.01 17.42 4.64
CA GLU A 92 -3.82 16.67 5.88
C GLU A 92 -4.45 15.28 5.83
N ALA A 93 -3.87 14.37 6.61
CA ALA A 93 -4.27 12.97 6.63
C ALA A 93 -5.49 12.73 7.52
N ALA A 94 -6.54 12.14 6.95
CA ALA A 94 -7.74 11.76 7.69
C ALA A 94 -7.65 10.31 8.16
N LEU A 95 -7.07 9.45 7.31
CA LEU A 95 -7.00 8.02 7.60
C LEU A 95 -5.63 7.44 7.28
N VAL A 96 -5.08 6.70 8.23
CA VAL A 96 -3.80 6.03 8.05
C VAL A 96 -3.90 4.57 8.51
N ALA A 97 -3.55 3.65 7.63
CA ALA A 97 -3.48 2.25 8.03
C ALA A 97 -2.14 1.68 7.58
N ALA A 98 -1.61 0.72 8.32
CA ALA A 98 -0.39 0.02 7.90
C ALA A 98 -0.50 -1.46 8.26
N VAL A 99 0.10 -2.31 7.44
CA VAL A 99 -0.05 -3.76 7.60
C VAL A 99 1.29 -4.43 7.33
N ALA A 100 1.81 -5.15 8.31
CA ALA A 100 3.06 -5.91 8.07
C ALA A 100 2.76 -7.38 7.84
N ALA A 101 3.12 -7.88 6.66
CA ALA A 101 2.88 -9.29 6.32
C ALA A 101 4.18 -10.06 6.10
N ASP A 102 4.06 -11.38 6.05
CA ASP A 102 5.23 -12.21 5.72
C ASP A 102 5.63 -11.99 4.26
N HIS A 103 4.67 -11.83 3.37
CA HIS A 103 4.96 -11.54 1.98
C HIS A 103 4.03 -10.44 1.42
N ARG A 104 4.40 -9.85 0.27
CA ARG A 104 3.75 -8.62 -0.18
C ARG A 104 2.26 -8.78 -0.47
N ARG A 105 1.84 -9.94 -0.95
CA ARG A 105 0.45 -10.15 -1.36
C ARG A 105 -0.55 -9.99 -0.21
N ALA A 106 -0.21 -10.50 0.96
CA ALA A 106 -1.09 -10.36 2.12
C ALA A 106 -1.08 -8.92 2.64
N ALA A 107 0.06 -8.25 2.50
CA ALA A 107 0.16 -6.88 2.98
C ALA A 107 -0.73 -5.95 2.14
N PHE A 108 -0.59 -6.01 0.83
CA PHE A 108 -1.44 -5.24 -0.06
C PHE A 108 -2.92 -5.56 0.09
N GLY A 109 -3.24 -6.84 0.15
CA GLY A 109 -4.63 -7.27 0.27
C GLY A 109 -5.25 -6.83 1.58
N THR A 110 -4.61 -7.17 2.70
CA THR A 110 -5.13 -6.82 4.01
C THR A 110 -5.13 -5.30 4.25
N CYS A 111 -4.17 -4.56 3.70
CA CYS A 111 -4.21 -3.13 3.90
C CYS A 111 -5.36 -2.46 3.13
N ALA A 112 -5.62 -2.94 1.92
CA ALA A 112 -6.75 -2.44 1.14
C ALA A 112 -8.07 -2.86 1.77
N HIS A 113 -8.11 -4.05 2.35
CA HIS A 113 -9.36 -4.50 2.94
C HIS A 113 -9.64 -3.78 4.26
N LEU A 114 -8.61 -3.36 4.93
CA LEU A 114 -8.78 -2.62 6.15
C LEU A 114 -9.24 -1.19 5.89
N VAL A 115 -8.68 -0.52 4.90
CA VAL A 115 -9.11 0.82 4.55
C VAL A 115 -10.54 0.79 4.07
N GLU A 116 -10.89 -0.23 3.33
CA GLU A 116 -12.22 -0.37 2.83
C GLU A 116 -13.24 -0.66 3.90
N THR A 117 -12.85 -1.40 4.92
CA THR A 117 -13.71 -1.70 6.04
C THR A 117 -14.02 -0.49 6.88
N ILE A 118 -13.01 0.30 7.15
CA ILE A 118 -13.21 1.49 7.91
C ILE A 118 -14.05 2.49 7.16
N LYS A 119 -13.81 2.67 5.89
CA LYS A 119 -14.57 3.69 5.16
C LYS A 119 -16.05 3.33 5.07
N ALA A 120 -16.33 2.08 4.83
CA ALA A 120 -17.69 1.59 4.82
C ALA A 120 -18.43 1.56 6.12
N ARG A 121 -17.78 1.23 7.20
CA ARG A 121 -18.47 0.80 8.37
C ARG A 121 -18.25 1.62 9.61
N LEU A 122 -17.47 2.66 9.51
CA LEU A 122 -17.21 3.51 10.63
C LEU A 122 -18.11 4.71 10.63
N PRO A 123 -18.81 4.91 11.82
CA PRO A 123 -19.72 6.06 11.78
C PRO A 123 -19.11 7.44 12.02
N VAL A 124 -18.51 7.98 10.98
CA VAL A 124 -17.97 9.31 10.97
C VAL A 124 -18.46 9.87 9.66
N TRP A 125 -18.48 11.18 9.58
CA TRP A 125 -19.02 11.90 8.47
C TRP A 125 -18.11 13.05 8.14
N LYS A 126 -17.95 13.38 6.87
CA LYS A 126 -17.12 14.53 6.48
C LYS A 126 -17.92 15.69 5.84
N HIS A 127 -17.75 16.87 6.41
CA HIS A 127 -18.38 18.09 5.90
C HIS A 127 -17.33 18.89 5.09
N GLN A 128 -17.47 18.97 3.78
CA GLN A 128 -16.50 19.73 2.98
C GLN A 128 -16.85 21.19 2.85
N PHE A 129 -15.88 22.07 3.07
CA PHE A 129 -16.07 23.50 2.85
C PHE A 129 -15.33 23.93 1.59
N PHE A 130 -16.01 24.63 0.70
CA PHE A 130 -15.37 25.08 -0.52
C PHE A 130 -14.97 26.54 -0.44
N GLU A 131 -14.00 26.90 -1.27
CA GLU A 131 -13.48 28.26 -1.32
C GLU A 131 -14.51 29.26 -1.87
N ASP A 132 -15.46 28.78 -2.68
CA ASP A 132 -16.52 29.64 -3.20
C ASP A 132 -17.55 29.98 -2.11
N GLY A 133 -17.37 29.44 -0.91
CA GLY A 133 -18.24 29.77 0.20
C GLY A 133 -19.24 28.68 0.54
N THR A 134 -19.48 27.79 -0.41
CA THR A 134 -20.39 26.69 -0.20
C THR A 134 -19.77 25.55 0.61
N ASP A 135 -20.64 24.65 1.05
CA ASP A 135 -20.24 23.48 1.81
C ASP A 135 -21.21 22.34 1.53
N GLU A 136 -20.82 21.14 1.93
CA GLU A 136 -21.51 19.96 1.46
C GLU A 136 -21.22 18.77 2.34
N TRP A 137 -22.27 18.03 2.73
CA TRP A 137 -22.11 16.82 3.50
C TRP A 137 -21.98 15.63 2.59
N VAL A 138 -20.76 15.09 2.46
CA VAL A 138 -20.55 13.95 1.61
C VAL A 138 -21.54 12.82 1.99
N GLY A 139 -22.22 12.28 0.98
CA GLY A 139 -23.16 11.19 1.19
C GLY A 139 -24.59 11.64 1.44
N SER A 140 -24.81 12.95 1.53
CA SER A 140 -26.12 13.52 1.77
C SER A 140 -26.29 14.82 0.99
N VAL A 141 -25.90 14.80 -0.28
CA VAL A 141 -25.97 15.99 -1.13
C VAL A 141 -27.38 16.32 -1.56
N ALA B 9 -52.58 11.47 26.34
CA ALA B 9 -51.49 10.86 27.06
C ALA B 9 -50.13 11.33 26.51
N GLY B 10 -49.43 10.44 25.83
CA GLY B 10 -48.22 10.78 25.17
C GLY B 10 -46.94 10.39 25.83
N ILE B 11 -45.93 10.23 25.00
CA ILE B 11 -44.61 9.94 25.47
C ILE B 11 -43.66 10.89 24.82
N GLN B 12 -42.54 11.07 25.47
CA GLN B 12 -41.53 11.97 25.02
C GLN B 12 -40.33 11.14 24.68
N VAL B 13 -39.70 11.42 23.57
CA VAL B 13 -38.49 10.75 23.19
C VAL B 13 -37.45 11.76 22.80
N THR B 14 -36.20 11.37 22.87
CA THR B 14 -35.13 12.21 22.43
C THR B 14 -34.61 11.74 21.10
N VAL B 15 -34.66 12.60 20.10
CA VAL B 15 -33.95 12.41 18.84
C VAL B 15 -32.57 13.07 18.94
N ARG B 16 -31.51 12.28 18.73
CA ARG B 16 -30.18 12.85 18.53
C ARG B 16 -29.80 12.81 17.05
N TYR B 17 -29.50 13.98 16.50
CA TYR B 17 -29.17 14.13 15.09
C TYR B 17 -27.66 14.12 14.85
N PHE B 18 -27.21 13.63 13.69
CA PHE B 18 -25.79 13.67 13.36
C PHE B 18 -25.53 14.19 11.96
N ALA B 19 -24.34 14.80 11.79
CA ALA B 19 -23.86 15.19 10.47
C ALA B 19 -24.91 15.98 9.68
N ALA B 20 -25.22 15.52 8.46
CA ALA B 20 -26.15 16.24 7.58
C ALA B 20 -27.54 16.41 8.19
N ALA B 21 -27.95 15.47 9.04
CA ALA B 21 -29.29 15.53 9.63
C ALA B 21 -29.33 16.56 10.75
N ARG B 22 -28.22 16.68 11.48
CA ARG B 22 -28.09 17.73 12.48
C ARG B 22 -28.08 19.12 11.83
N ALA B 23 -27.34 19.25 10.74
CA ALA B 23 -27.33 20.49 9.98
C ALA B 23 -28.75 20.88 9.52
N ALA B 24 -29.49 19.92 8.96
CA ALA B 24 -30.79 20.22 8.37
C ALA B 24 -31.85 20.42 9.45
N ALA B 25 -31.67 19.79 10.59
CA ALA B 25 -32.63 19.94 11.71
C ALA B 25 -32.41 21.23 12.48
N GLY B 26 -31.23 21.79 12.38
CA GLY B 26 -30.90 23.00 13.13
C GLY B 26 -30.55 22.75 14.58
N ALA B 27 -30.32 21.49 14.96
CA ALA B 27 -30.01 21.18 16.36
C ALA B 27 -29.48 19.75 16.52
N GLY B 28 -28.72 19.54 17.59
CA GLY B 28 -28.10 18.24 17.83
C GLY B 28 -29.03 17.25 18.48
N SER B 29 -30.09 17.76 19.12
CA SER B 29 -31.13 16.91 19.65
C SER B 29 -32.44 17.65 19.82
N GLU B 30 -33.52 16.88 19.95
CA GLU B 30 -34.87 17.38 20.06
C GLU B 30 -35.67 16.41 20.95
N LYS B 31 -36.41 16.93 21.92
CA LYS B 31 -37.38 16.10 22.63
C LYS B 31 -38.69 16.14 21.86
N VAL B 32 -39.18 14.97 21.46
CA VAL B 32 -40.39 14.91 20.64
C VAL B 32 -41.51 14.20 21.40
N THR B 33 -42.71 14.77 21.42
CA THR B 33 -43.86 14.14 22.06
C THR B 33 -44.73 13.37 21.06
N LEU B 34 -45.00 12.11 21.36
CA LEU B 34 -45.87 11.30 20.52
C LEU B 34 -46.93 10.56 21.35
N ARG B 35 -47.92 10.00 20.66
CA ARG B 35 -48.89 9.11 21.28
C ARG B 35 -48.15 7.94 21.89
N SER B 36 -48.73 7.33 22.93
CA SER B 36 -48.18 6.07 23.43
C SER B 36 -48.22 5.03 22.33
N GLY B 37 -47.13 4.30 22.15
CA GLY B 37 -47.09 3.24 21.16
C GLY B 37 -46.75 3.75 19.76
N ALA B 38 -46.46 5.04 19.66
CA ALA B 38 -46.03 5.62 18.39
C ALA B 38 -44.85 4.81 17.83
N THR B 39 -44.83 4.62 16.52
CA THR B 39 -43.75 3.86 15.92
C THR B 39 -42.58 4.75 15.51
N VAL B 40 -41.43 4.12 15.29
CA VAL B 40 -40.28 4.82 14.73
C VAL B 40 -40.68 5.45 13.39
N ALA B 41 -41.56 4.77 12.67
CA ALA B 41 -42.06 5.29 11.41
C ALA B 41 -42.88 6.59 11.60
N GLU B 42 -43.74 6.61 12.61
CA GLU B 42 -44.56 7.79 12.87
C GLU B 42 -43.69 8.96 13.28
N LEU B 43 -42.63 8.68 14.02
CA LEU B 43 -41.67 9.69 14.47
C LEU B 43 -40.92 10.33 13.29
N ILE B 44 -40.33 9.47 12.45
CA ILE B 44 -39.56 9.95 11.30
C ILE B 44 -40.48 10.69 10.33
N ASP B 45 -41.67 10.16 10.11
CA ASP B 45 -42.63 10.85 9.25
C ASP B 45 -42.96 12.23 9.78
N GLY B 46 -43.08 12.37 11.09
CA GLY B 46 -43.42 13.66 11.66
C GLY B 46 -42.29 14.66 11.49
N LEU B 47 -41.06 14.22 11.62
CA LEU B 47 -39.91 15.06 11.37
C LEU B 47 -39.82 15.47 9.93
N SER B 48 -40.11 14.54 9.07
CA SER B 48 -40.03 14.73 7.64
C SER B 48 -40.98 15.75 7.10
N VAL B 49 -42.20 15.76 7.59
CA VAL B 49 -43.21 16.68 7.15
C VAL B 49 -42.85 18.13 7.46
N ARG B 50 -42.25 18.34 8.61
CA ARG B 50 -41.87 19.64 9.07
C ARG B 50 -40.83 20.37 8.25
N ASP B 51 -39.86 19.67 7.71
CA ASP B 51 -38.85 20.28 6.89
C ASP B 51 -38.51 19.55 5.62
N VAL B 52 -38.62 20.17 4.48
CA VAL B 52 -38.33 19.53 3.23
C VAL B 52 -36.89 19.07 3.04
N ARG B 53 -35.91 19.87 3.40
CA ARG B 53 -34.52 19.49 3.35
C ARG B 53 -34.17 18.36 4.29
N LEU B 54 -34.69 18.40 5.49
CA LEU B 54 -34.40 17.39 6.46
C LEU B 54 -34.93 16.05 6.05
N ALA B 55 -36.09 16.05 5.41
CA ALA B 55 -36.70 14.87 4.91
C ALA B 55 -35.84 14.19 3.87
N THR B 56 -35.24 14.96 2.98
CA THR B 56 -34.36 14.43 1.98
C THR B 56 -33.15 13.78 2.57
N VAL B 57 -32.54 14.42 3.55
CA VAL B 57 -31.54 13.74 4.34
C VAL B 57 -32.07 12.51 5.06
N LEU B 58 -33.11 12.69 5.88
CA LEU B 58 -33.69 11.61 6.68
C LEU B 58 -33.96 10.34 5.90
N SER B 59 -34.21 10.45 4.60
CA SER B 59 -34.59 9.29 3.81
C SER B 59 -33.42 8.45 3.31
N ARG B 60 -32.21 8.72 3.80
CA ARG B 60 -31.05 7.88 3.46
C ARG B 60 -30.39 7.50 4.77
N CYS B 61 -31.03 7.90 5.87
CA CYS B 61 -30.46 7.68 7.19
C CYS B 61 -30.75 6.28 7.67
N SER B 62 -29.90 5.80 8.56
CA SER B 62 -30.19 4.63 9.34
C SER B 62 -30.47 5.17 10.71
N TYR B 63 -31.04 4.35 11.60
CA TYR B 63 -31.45 4.84 12.91
C TYR B 63 -31.04 3.88 13.99
N LEU B 64 -30.65 4.41 15.14
CA LEU B 64 -30.44 3.57 16.30
C LEU B 64 -31.53 3.84 17.33
N ARG B 65 -31.78 2.86 18.19
CA ARG B 65 -32.67 3.07 19.31
C ARG B 65 -32.04 2.55 20.57
N ASP B 66 -31.68 3.44 21.47
CA ASP B 66 -30.89 3.08 22.64
C ASP B 66 -29.68 2.23 22.24
N GLY B 67 -29.09 2.58 21.10
CA GLY B 67 -27.85 1.99 20.69
C GLY B 67 -27.98 0.98 19.57
N ILE B 68 -29.16 0.38 19.43
CA ILE B 68 -29.32 -0.74 18.51
C ILE B 68 -29.91 -0.33 17.19
N VAL B 69 -29.37 -0.85 16.09
CA VAL B 69 -29.93 -0.54 14.80
C VAL B 69 -31.39 -0.95 14.70
N VAL B 70 -32.25 0.01 14.39
CA VAL B 70 -33.66 -0.27 14.17
C VAL B 70 -33.76 -1.03 12.86
N ARG B 71 -34.25 -2.26 12.90
CA ARG B 71 -34.36 -3.05 11.67
C ARG B 71 -35.75 -2.97 11.07
N ASP B 72 -36.73 -2.64 11.90
CA ASP B 72 -38.12 -2.58 11.47
C ASP B 72 -38.72 -1.30 12.02
N ASP B 73 -39.06 -0.35 11.14
CA ASP B 73 -39.54 0.95 11.61
C ASP B 73 -40.98 0.87 12.12
N ALA B 74 -41.51 -0.33 12.21
CA ALA B 74 -42.87 -0.51 12.71
C ALA B 74 -42.83 -0.79 14.20
N VAL B 75 -41.62 -0.89 14.74
CA VAL B 75 -41.45 -1.14 16.16
C VAL B 75 -41.92 0.08 16.94
N ALA B 76 -42.54 -0.16 18.10
CA ALA B 76 -43.10 0.90 18.93
C ALA B 76 -42.05 1.50 19.85
N LEU B 77 -42.21 2.78 20.17
CA LEU B 77 -41.30 3.48 21.06
C LEU B 77 -41.80 3.44 22.50
N SER B 78 -40.89 3.65 23.44
CA SER B 78 -41.24 3.81 24.84
C SER B 78 -40.76 5.15 25.33
N ALA B 79 -41.41 5.67 26.37
CA ALA B 79 -40.96 6.90 27.00
C ALA B 79 -39.49 6.79 27.39
N GLY B 80 -38.74 7.86 27.13
CA GLY B 80 -37.34 7.93 27.49
C GLY B 80 -36.42 7.39 26.43
N ASP B 81 -36.97 6.73 25.41
CA ASP B 81 -36.15 6.23 24.30
C ASP B 81 -35.29 7.32 23.68
N THR B 82 -34.14 6.91 23.15
CA THR B 82 -33.30 7.82 22.38
C THR B 82 -33.13 7.27 20.97
N ILE B 83 -33.43 8.11 19.99
CA ILE B 83 -33.32 7.72 18.61
C ILE B 83 -32.19 8.48 17.93
N ASP B 84 -31.12 7.75 17.59
CA ASP B 84 -30.01 8.32 16.85
C ASP B 84 -30.29 8.34 15.36
N VAL B 85 -30.02 9.48 14.73
CA VAL B 85 -30.26 9.65 13.30
C VAL B 85 -28.92 9.68 12.57
N LEU B 86 -28.61 8.63 11.82
CA LEU B 86 -27.28 8.53 11.18
C LEU B 86 -27.35 8.66 9.66
N PRO B 87 -26.85 9.78 9.13
CA PRO B 87 -26.73 9.83 7.66
C PRO B 87 -25.76 8.76 7.16
N PRO B 88 -25.69 8.56 5.88
CA PRO B 88 -24.76 7.56 5.38
C PRO B 88 -23.32 7.88 5.73
N PHE B 89 -22.58 6.87 6.12
CA PHE B 89 -21.24 7.08 6.61
C PHE B 89 -20.30 7.64 5.58
N ALA B 90 -19.46 8.55 5.99
CA ALA B 90 -18.53 9.14 5.08
C ALA B 90 -17.13 9.29 5.68
N GLY B 91 -16.50 8.18 5.95
CA GLY B 91 -15.18 8.18 6.52
C GLY B 91 -14.09 8.18 5.50
N GLY B 92 -12.86 8.24 5.96
CA GLY B 92 -11.73 8.31 5.06
C GLY B 92 -11.60 9.74 4.53
N MET C 1 2.53 13.78 -17.53
CA MET C 1 1.52 13.92 -16.52
C MET C 1 1.95 13.27 -15.23
N THR C 2 1.97 11.96 -15.18
CA THR C 2 2.46 11.28 -13.99
C THR C 2 3.92 11.52 -13.80
N GLN C 3 4.29 11.82 -12.59
CA GLN C 3 5.60 12.30 -12.30
C GLN C 3 6.40 11.29 -11.56
N VAL C 4 7.67 11.20 -11.89
CA VAL C 4 8.58 10.36 -11.17
C VAL C 4 9.49 11.22 -10.32
N LEU C 5 9.32 11.11 -9.01
CA LEU C 5 10.15 11.82 -8.08
C LEU C 5 11.41 11.08 -7.71
N ARG C 6 11.37 9.77 -7.72
CA ARG C 6 12.58 9.00 -7.55
C ARG C 6 12.61 7.69 -8.25
N ALA C 7 13.76 7.31 -8.75
CA ALA C 7 13.99 5.96 -9.15
C ALA C 7 15.43 5.59 -8.87
N ALA C 8 15.76 5.48 -7.62
CA ALA C 8 17.11 5.42 -7.15
C ALA C 8 17.62 4.05 -6.75
N LEU C 9 18.83 3.76 -7.19
CA LEU C 9 19.56 2.59 -6.80
C LEU C 9 20.71 3.06 -5.93
N THR C 10 20.86 2.50 -4.74
CA THR C 10 21.76 3.11 -3.74
C THR C 10 22.30 2.14 -2.68
N ASP C 11 23.48 2.46 -2.11
CA ASP C 11 23.96 1.64 -1.00
C ASP C 11 23.64 2.26 0.37
N GLN C 12 22.94 3.38 0.36
CA GLN C 12 22.53 4.06 1.58
C GLN C 12 21.18 3.51 2.07
N PRO C 13 20.90 3.66 3.38
CA PRO C 13 19.59 3.25 3.90
C PRO C 13 18.44 3.98 3.19
N ILE C 14 17.28 3.35 3.09
CA ILE C 14 16.15 3.99 2.42
C ILE C 14 14.92 4.04 3.33
N PHE C 15 14.04 5.03 3.11
CA PHE C 15 12.95 5.28 4.05
C PHE C 15 11.62 5.51 3.38
N LEU C 16 10.62 4.72 3.77
CA LEU C 16 9.27 4.88 3.28
C LEU C 16 8.79 6.32 3.43
N ALA C 17 9.08 6.94 4.57
CA ALA C 17 8.55 8.24 4.91
C ALA C 17 9.04 9.28 3.92
N GLU C 18 10.30 9.15 3.52
CA GLU C 18 10.89 10.07 2.59
C GLU C 18 10.19 9.98 1.21
N HIS C 19 9.72 8.79 0.85
CA HIS C 19 9.07 8.56 -0.43
C HIS C 19 7.60 9.00 -0.42
N GLU C 20 6.91 8.75 0.69
CA GLU C 20 5.61 9.35 0.95
C GLU C 20 5.65 10.86 0.77
N GLU C 21 6.64 11.49 1.38
CA GLU C 21 6.76 12.92 1.31
C GLU C 21 7.05 13.41 -0.10
N LEU C 22 7.87 12.65 -0.81
CA LEU C 22 8.21 12.99 -2.18
C LEU C 22 7.00 13.03 -3.09
N VAL C 23 6.10 12.04 -2.97
CA VAL C 23 4.98 11.89 -3.90
C VAL C 23 3.75 12.71 -3.51
N SER C 24 3.80 13.44 -2.41
CA SER C 24 2.64 14.22 -2.00
C SER C 24 2.31 15.24 -3.06
N HIS C 25 1.03 15.30 -3.38
CA HIS C 25 0.58 16.12 -4.44
C HIS C 25 -0.69 16.71 -3.98
N ARG C 26 -0.96 17.93 -4.39
CA ARG C 26 -2.12 18.63 -3.93
C ARG C 26 -3.38 17.96 -4.36
N SER C 27 -3.37 17.39 -5.54
CA SER C 27 -4.53 16.70 -6.04
C SER C 27 -4.71 15.26 -5.63
N ALA C 28 -3.71 14.66 -5.02
CA ALA C 28 -3.85 13.31 -4.51
C ALA C 28 -4.74 13.15 -3.27
N GLY C 29 -5.54 12.10 -3.27
CA GLY C 29 -6.31 11.76 -2.11
C GLY C 29 -5.89 10.47 -1.45
N ALA C 30 -5.01 9.75 -2.09
CA ALA C 30 -4.51 8.52 -1.56
C ALA C 30 -3.03 8.37 -1.76
N ILE C 31 -2.34 7.86 -0.77
CA ILE C 31 -0.97 7.46 -0.93
C ILE C 31 -0.84 6.04 -0.45
N VAL C 32 -0.14 5.22 -1.20
CA VAL C 32 0.10 3.87 -0.76
C VAL C 32 1.59 3.64 -0.85
N GLY C 33 2.16 3.12 0.24
CA GLY C 33 3.59 2.88 0.28
C GLY C 33 3.87 1.41 0.47
N PHE C 34 5.01 0.97 -0.06
CA PHE C 34 5.48 -0.38 0.16
C PHE C 34 6.89 -0.35 0.73
N VAL C 35 7.15 -1.24 1.67
CA VAL C 35 8.51 -1.51 2.13
C VAL C 35 8.80 -3.00 2.07
N GLY C 36 9.82 -3.37 1.31
CA GLY C 36 10.38 -4.71 1.37
C GLY C 36 11.50 -4.77 2.40
N MET C 37 11.29 -5.54 3.47
CA MET C 37 12.30 -5.74 4.50
C MET C 37 12.80 -7.15 4.53
N ILE C 38 14.04 -7.31 4.99
CA ILE C 38 14.62 -8.63 5.18
C ILE C 38 14.00 -9.29 6.40
N ARG C 39 13.33 -10.42 6.19
CA ARG C 39 12.78 -11.21 7.30
C ARG C 39 13.87 -11.82 8.16
N ASP C 40 13.48 -12.29 9.34
CA ASP C 40 14.40 -12.97 10.23
C ASP C 40 14.60 -14.45 9.86
N ARG C 41 13.59 -15.04 9.20
CA ARG C 41 13.60 -16.46 8.81
C ARG C 41 13.43 -16.63 7.31
N ASP C 42 14.02 -17.68 6.74
CA ASP C 42 13.68 -18.07 5.37
C ASP C 42 13.79 -19.57 5.17
N GLY C 43 12.65 -20.21 4.96
CA GLY C 43 12.61 -21.65 4.82
C GLY C 43 13.08 -22.30 6.10
N GLY C 44 12.62 -21.78 7.23
CA GLY C 44 12.97 -22.31 8.54
C GLY C 44 14.31 -21.86 9.12
N ARG C 45 15.25 -21.51 8.25
CA ARG C 45 16.58 -21.05 8.69
C ARG C 45 16.55 -19.61 9.18
N GLY C 46 17.20 -19.35 10.31
CA GLY C 46 17.39 -17.98 10.75
C GLY C 46 18.39 -17.23 9.88
N VAL C 47 18.02 -16.01 9.48
CA VAL C 47 18.86 -15.22 8.57
C VAL C 47 19.88 -14.35 9.33
N LEU C 48 21.07 -14.21 8.76
CA LEU C 48 22.15 -13.43 9.37
C LEU C 48 22.35 -12.05 8.72
N ARG C 49 22.20 -12.02 7.40
CA ARG C 49 22.34 -10.80 6.61
C ARG C 49 22.07 -11.11 5.12
N LEU C 50 21.78 -10.07 4.33
CA LEU C 50 21.69 -10.25 2.88
C LEU C 50 22.67 -9.31 2.21
N GLU C 51 23.23 -9.77 1.10
CA GLU C 51 24.05 -8.92 0.25
C GLU C 51 23.41 -8.87 -1.13
N TYR C 52 23.07 -7.65 -1.55
CA TYR C 52 22.47 -7.40 -2.86
C TYR C 52 23.55 -6.90 -3.82
N SER C 53 23.68 -7.54 -4.97
CA SER C 53 24.58 -7.01 -5.99
C SER C 53 23.76 -6.54 -7.17
N ALA C 54 24.33 -5.66 -7.99
CA ALA C 54 23.59 -5.16 -9.15
C ALA C 54 24.42 -5.23 -10.43
N HIS C 55 23.76 -5.62 -11.51
CA HIS C 55 24.38 -5.45 -12.81
C HIS C 55 24.69 -3.98 -13.04
N PRO C 56 25.84 -3.67 -13.66
CA PRO C 56 26.17 -2.26 -13.91
C PRO C 56 25.08 -1.48 -14.68
N SER C 57 24.09 -2.15 -15.25
CA SER C 57 23.01 -1.43 -15.94
C SER C 57 21.81 -1.13 -15.05
N ALA C 58 21.74 -1.73 -13.85
CA ALA C 58 20.50 -1.71 -13.07
C ALA C 58 19.97 -0.29 -12.76
N ALA C 59 20.86 0.69 -12.60
CA ALA C 59 20.43 2.04 -12.29
C ALA C 59 19.57 2.60 -13.42
N GLN C 60 20.07 2.48 -14.64
CA GLN C 60 19.33 2.92 -15.82
C GLN C 60 18.04 2.11 -15.99
N VAL C 61 18.10 0.80 -15.74
CA VAL C 61 16.93 -0.07 -15.88
C VAL C 61 15.85 0.29 -14.87
N LEU C 62 16.26 0.64 -13.65
CA LEU C 62 15.33 1.06 -12.61
C LEU C 62 14.57 2.30 -13.05
N ALA C 63 15.34 3.32 -13.41
CA ALA C 63 14.80 4.56 -13.94
C ALA C 63 13.81 4.29 -15.08
N ASP C 64 14.18 3.40 -16.01
CA ASP C 64 13.29 3.11 -17.12
C ASP C 64 12.01 2.41 -16.68
N LEU C 65 12.11 1.50 -15.71
CA LEU C 65 10.94 0.78 -15.19
C LEU C 65 9.95 1.68 -14.45
N VAL C 66 10.45 2.59 -13.63
CA VAL C 66 9.58 3.50 -12.88
C VAL C 66 8.91 4.47 -13.86
N ALA C 67 9.68 4.99 -14.81
CA ALA C 67 9.15 5.81 -15.90
C ALA C 67 8.04 5.11 -16.69
N GLU C 68 8.28 3.84 -17.00
CA GLU C 68 7.32 3.03 -17.73
C GLU C 68 6.01 2.84 -16.96
N VAL C 69 6.13 2.53 -15.68
CA VAL C 69 4.97 2.22 -14.87
C VAL C 69 4.14 3.49 -14.68
N ALA C 70 4.85 4.61 -14.57
CA ALA C 70 4.24 5.92 -14.36
C ALA C 70 3.48 6.34 -15.59
N GLU C 71 4.16 6.25 -16.73
CA GLU C 71 3.59 6.62 -18.03
C GLU C 71 2.34 5.80 -18.34
N GLU C 72 2.39 4.50 -18.06
CA GLU C 72 1.27 3.60 -18.36
C GLU C 72 0.14 3.68 -17.34
N SER C 73 0.34 4.45 -16.27
CA SER C 73 -0.66 4.53 -15.22
C SER C 73 -1.82 5.44 -15.60
N SER C 74 -2.87 5.40 -14.81
CA SER C 74 -3.87 6.45 -14.86
C SER C 74 -4.50 6.62 -13.49
N GLY C 75 -4.83 7.84 -13.14
CA GLY C 75 -5.39 8.12 -11.84
C GLY C 75 -4.30 8.41 -10.85
N VAL C 76 -3.06 8.42 -11.36
CA VAL C 76 -1.88 8.51 -10.51
C VAL C 76 -1.14 9.81 -10.74
N ARG C 77 -0.97 10.60 -9.68
CA ARG C 77 -0.22 11.86 -9.72
C ARG C 77 1.27 11.65 -9.75
N ALA C 78 1.81 10.96 -8.75
CA ALA C 78 3.25 10.79 -8.67
C ALA C 78 3.67 9.40 -8.18
N VAL C 79 4.85 8.96 -8.63
CA VAL C 79 5.47 7.75 -8.09
C VAL C 79 6.93 7.99 -7.66
N ALA C 80 7.43 7.13 -6.79
CA ALA C 80 8.81 7.18 -6.31
C ALA C 80 9.22 5.79 -5.85
N ALA C 81 10.44 5.41 -6.20
CA ALA C 81 10.95 4.13 -5.73
C ALA C 81 12.47 4.21 -5.51
N SER C 82 12.94 3.45 -4.52
CA SER C 82 14.36 3.23 -4.33
C SER C 82 14.59 1.75 -4.08
N HIS C 83 15.65 1.21 -4.67
CA HIS C 83 16.13 -0.12 -4.31
C HIS C 83 17.52 0.04 -3.72
N ARG C 84 17.72 -0.55 -2.53
CA ARG C 84 19.01 -0.50 -1.84
C ARG C 84 19.85 -1.72 -2.24
N ILE C 85 21.15 -1.55 -2.32
CA ILE C 85 22.04 -2.68 -2.58
C ILE C 85 23.22 -2.65 -1.62
N GLY C 86 24.05 -3.70 -1.67
CA GLY C 86 25.16 -3.85 -0.75
C GLY C 86 24.77 -4.71 0.45
N VAL C 87 25.41 -4.47 1.59
CA VAL C 87 25.13 -5.29 2.77
C VAL C 87 23.96 -4.76 3.58
N LEU C 88 22.96 -5.61 3.78
CA LEU C 88 21.79 -5.29 4.57
C LEU C 88 21.64 -6.19 5.80
N GLN C 89 21.34 -5.58 6.93
CA GLN C 89 21.06 -6.32 8.17
C GLN C 89 19.66 -6.86 8.16
N VAL C 90 19.41 -7.89 8.96
CA VAL C 90 18.06 -8.39 9.15
C VAL C 90 17.20 -7.23 9.62
N GLY C 91 16.03 -7.08 9.01
CA GLY C 91 15.13 -6.00 9.37
C GLY C 91 15.25 -4.67 8.63
N GLU C 92 16.22 -4.54 7.72
CA GLU C 92 16.42 -3.29 6.96
C GLU C 92 15.66 -3.30 5.63
N ALA C 93 15.33 -2.10 5.13
CA ALA C 93 14.53 -2.00 3.90
C ALA C 93 15.38 -2.19 2.65
N ALA C 94 14.99 -3.14 1.79
CA ALA C 94 15.71 -3.37 0.54
C ALA C 94 15.08 -2.56 -0.59
N LEU C 95 13.75 -2.46 -0.54
CA LEU C 95 12.99 -1.80 -1.59
C LEU C 95 11.86 -0.95 -1.00
N VAL C 96 11.74 0.27 -1.48
CA VAL C 96 10.68 1.18 -1.02
C VAL C 96 9.98 1.84 -2.22
N ALA C 97 8.65 1.76 -2.26
CA ALA C 97 7.90 2.50 -3.29
C ALA C 97 6.73 3.25 -2.69
N ALA C 98 6.38 4.39 -3.28
CA ALA C 98 5.19 5.15 -2.88
C ALA C 98 4.43 5.67 -4.13
N VAL C 99 3.12 5.67 -4.08
CA VAL C 99 2.33 6.17 -5.18
C VAL C 99 1.26 7.12 -4.71
N ALA C 100 1.19 8.31 -5.28
CA ALA C 100 0.11 9.23 -4.96
C ALA C 100 -0.90 9.26 -6.06
N ALA C 101 -2.15 8.97 -5.71
CA ALA C 101 -3.22 8.94 -6.67
C ALA C 101 -4.37 9.76 -6.17
N ASP C 102 -5.24 10.17 -7.04
CA ASP C 102 -6.44 10.91 -6.64
C ASP C 102 -7.34 10.07 -5.79
N HIS C 103 -7.47 8.82 -6.12
CA HIS C 103 -8.33 7.92 -5.44
C HIS C 103 -7.57 6.65 -5.11
N ARG C 104 -8.13 5.88 -4.21
CA ARG C 104 -7.50 4.76 -3.58
C ARG C 104 -7.06 3.67 -4.49
N ARG C 105 -7.90 3.31 -5.43
CA ARG C 105 -7.70 2.14 -6.25
C ARG C 105 -6.47 2.22 -7.10
N ALA C 106 -6.28 3.39 -7.67
CA ALA C 106 -5.16 3.64 -8.51
C ALA C 106 -3.91 3.54 -7.72
N ALA C 107 -3.93 4.08 -6.53
CA ALA C 107 -2.79 4.05 -5.68
C ALA C 107 -2.38 2.67 -5.23
N PHE C 108 -3.33 1.86 -4.81
CA PHE C 108 -3.07 0.51 -4.43
C PHE C 108 -2.61 -0.31 -5.60
N GLY C 109 -3.24 -0.15 -6.73
CA GLY C 109 -2.88 -0.89 -7.92
C GLY C 109 -1.57 -0.56 -8.53
N THR C 110 -1.31 0.72 -8.65
CA THR C 110 -0.07 1.21 -9.17
C THR C 110 1.12 0.91 -8.27
N CYS C 111 0.93 0.95 -6.96
CA CYS C 111 2.02 0.58 -6.08
C CYS C 111 2.32 -0.93 -6.14
N ALA C 112 1.31 -1.76 -6.19
CA ALA C 112 1.53 -3.16 -6.28
C ALA C 112 2.24 -3.51 -7.56
N HIS C 113 1.83 -2.88 -8.63
CA HIS C 113 2.43 -3.06 -9.94
C HIS C 113 3.84 -2.57 -10.10
N LEU C 114 4.14 -1.44 -9.51
CA LEU C 114 5.45 -0.90 -9.48
C LEU C 114 6.39 -1.81 -8.74
N VAL C 115 5.95 -2.36 -7.64
CA VAL C 115 6.75 -3.28 -6.88
C VAL C 115 7.03 -4.55 -7.62
N GLU C 116 6.02 -5.07 -8.29
CA GLU C 116 6.15 -6.26 -9.07
C GLU C 116 7.06 -6.05 -10.26
N THR C 117 6.97 -4.90 -10.89
CA THR C 117 7.77 -4.62 -12.04
C THR C 117 9.24 -4.63 -11.70
N ILE C 118 9.60 -4.01 -10.59
CA ILE C 118 10.96 -4.01 -10.15
C ILE C 118 11.51 -5.39 -9.78
N LYS C 119 10.75 -6.21 -9.08
CA LYS C 119 11.23 -7.50 -8.65
C LYS C 119 11.50 -8.41 -9.80
N ALA C 120 10.63 -8.37 -10.77
CA ALA C 120 10.77 -9.13 -11.96
C ALA C 120 11.87 -8.70 -12.88
N ARG C 121 12.04 -7.41 -13.06
CA ARG C 121 12.78 -6.91 -14.17
C ARG C 121 14.01 -6.12 -13.88
N LEU C 122 14.39 -6.01 -12.64
CA LEU C 122 15.60 -5.32 -12.29
C LEU C 122 16.70 -6.31 -12.07
N PRO C 123 17.85 -6.03 -12.80
CA PRO C 123 18.93 -7.00 -12.57
C PRO C 123 19.78 -6.73 -11.35
N VAL C 124 19.27 -7.17 -10.22
CA VAL C 124 19.96 -7.21 -8.95
C VAL C 124 19.67 -8.57 -8.41
N TRP C 125 20.55 -9.03 -7.54
CA TRP C 125 20.49 -10.34 -7.00
C TRP C 125 20.74 -10.26 -5.53
N LYS C 126 20.17 -11.18 -4.78
CA LYS C 126 20.42 -11.22 -3.36
C LYS C 126 21.09 -12.49 -2.90
N HIS C 127 22.12 -12.34 -2.11
CA HIS C 127 22.81 -13.44 -1.51
C HIS C 127 22.39 -13.49 -0.07
N GLN C 128 21.79 -14.58 0.32
CA GLN C 128 21.25 -14.77 1.64
C GLN C 128 22.24 -15.49 2.54
N PHE C 129 22.64 -14.89 3.66
CA PHE C 129 23.53 -15.55 4.60
C PHE C 129 22.75 -16.04 5.81
N PHE C 130 22.95 -17.29 6.19
CA PHE C 130 22.23 -17.83 7.34
C PHE C 130 23.09 -17.95 8.58
N GLU C 131 22.43 -18.06 9.72
CA GLU C 131 23.09 -18.10 11.02
C GLU C 131 23.81 -19.43 11.25
N ASP C 132 23.32 -20.50 10.61
CA ASP C 132 23.97 -21.80 10.71
C ASP C 132 25.25 -21.87 9.87
N GLY C 133 25.69 -20.74 9.32
CA GLY C 133 26.92 -20.70 8.55
C GLY C 133 26.74 -20.79 7.04
N THR C 134 25.59 -21.29 6.60
CA THR C 134 25.34 -21.45 5.19
C THR C 134 24.94 -20.14 4.50
N ASP C 135 24.88 -20.18 3.18
CA ASP C 135 24.53 -19.04 2.38
C ASP C 135 23.95 -19.52 1.09
N GLU C 136 22.99 -18.79 0.57
CA GLU C 136 22.22 -19.22 -0.57
C GLU C 136 21.99 -18.08 -1.54
N TRP C 137 22.06 -18.34 -2.83
CA TRP C 137 21.78 -17.32 -3.83
C TRP C 137 20.40 -17.52 -4.34
N VAL C 138 19.55 -16.54 -4.12
CA VAL C 138 18.16 -16.71 -4.42
C VAL C 138 17.94 -16.80 -5.91
N GLY C 139 17.15 -17.77 -6.33
CA GLY C 139 16.88 -18.03 -7.72
C GLY C 139 17.88 -18.91 -8.40
N SER C 140 18.89 -19.31 -7.67
CA SER C 140 19.90 -20.18 -8.19
C SER C 140 20.22 -21.22 -7.15
N VAL C 141 19.23 -21.65 -6.41
CA VAL C 141 19.47 -22.52 -5.28
C VAL C 141 20.00 -23.86 -5.70
N ALA D 9 43.79 -20.48 -35.45
CA ALA D 9 43.30 -19.11 -35.39
C ALA D 9 42.89 -18.69 -33.97
N GLY D 10 41.60 -18.56 -33.72
CA GLY D 10 41.10 -18.22 -32.42
C GLY D 10 40.73 -16.79 -32.23
N ILE D 11 39.81 -16.59 -31.30
CA ILE D 11 39.38 -15.29 -30.89
C ILE D 11 39.24 -15.32 -29.40
N GLN D 12 39.35 -14.18 -28.78
CA GLN D 12 39.25 -14.08 -27.35
C GLN D 12 38.05 -13.26 -27.02
N VAL D 13 37.24 -13.74 -26.11
CA VAL D 13 36.11 -13.00 -25.66
C VAL D 13 36.17 -12.92 -24.15
N THR D 14 35.63 -11.87 -23.58
CA THR D 14 35.55 -11.77 -22.16
C THR D 14 34.20 -12.21 -21.68
N VAL D 15 34.18 -13.11 -20.74
CA VAL D 15 32.95 -13.43 -20.03
C VAL D 15 32.93 -12.65 -18.71
N ARG D 16 31.87 -11.89 -18.45
CA ARG D 16 31.63 -11.32 -17.13
C ARG D 16 30.53 -12.08 -16.39
N TYR D 17 30.80 -12.47 -15.14
CA TYR D 17 29.89 -13.29 -14.34
C TYR D 17 29.23 -12.47 -13.22
N PHE D 18 27.96 -12.74 -12.93
CA PHE D 18 27.27 -12.05 -11.84
C PHE D 18 26.64 -12.99 -10.82
N ALA D 19 26.48 -12.50 -9.59
CA ALA D 19 25.72 -13.19 -8.58
C ALA D 19 26.12 -14.66 -8.45
N ALA D 20 25.15 -15.56 -8.48
CA ALA D 20 25.41 -16.99 -8.29
C ALA D 20 26.40 -17.56 -9.30
N ALA D 21 26.43 -16.99 -10.50
CA ALA D 21 27.32 -17.47 -11.55
C ALA D 21 28.74 -16.99 -11.30
N ARG D 22 28.87 -15.86 -10.63
CA ARG D 22 30.21 -15.39 -10.26
C ARG D 22 30.75 -16.23 -9.10
N ALA D 23 29.86 -16.62 -8.19
CA ALA D 23 30.24 -17.50 -7.10
C ALA D 23 30.76 -18.82 -7.65
N ALA D 24 29.97 -19.44 -8.54
CA ALA D 24 30.29 -20.77 -9.03
C ALA D 24 31.55 -20.77 -9.89
N ALA D 25 31.77 -19.68 -10.63
CA ALA D 25 32.91 -19.60 -11.54
C ALA D 25 34.23 -19.32 -10.81
N GLY D 26 34.15 -18.60 -9.69
CA GLY D 26 35.32 -18.30 -8.90
C GLY D 26 36.01 -17.02 -9.33
N ALA D 27 35.34 -16.23 -10.15
CA ALA D 27 35.94 -15.01 -10.67
C ALA D 27 34.86 -14.08 -11.20
N GLY D 28 35.15 -12.79 -11.28
CA GLY D 28 34.20 -11.85 -11.84
C GLY D 28 34.20 -11.88 -13.35
N SER D 29 35.34 -12.27 -13.92
CA SER D 29 35.45 -12.36 -15.37
C SER D 29 36.47 -13.42 -15.78
N GLU D 30 36.46 -13.78 -17.06
CA GLU D 30 37.36 -14.78 -17.62
C GLU D 30 37.52 -14.48 -19.12
N LYS D 31 38.77 -14.37 -19.58
CA LYS D 31 39.01 -14.29 -21.02
C LYS D 31 39.03 -15.72 -21.57
N VAL D 32 38.12 -16.01 -22.50
CA VAL D 32 38.05 -17.35 -23.08
C VAL D 32 38.51 -17.31 -24.55
N THR D 33 39.34 -18.26 -24.91
CA THR D 33 39.78 -18.40 -26.30
C THR D 33 38.97 -19.48 -27.03
N LEU D 34 38.40 -19.12 -28.17
CA LEU D 34 37.56 -20.05 -28.90
C LEU D 34 37.95 -20.07 -30.37
N ARG D 35 37.49 -21.09 -31.08
CA ARG D 35 37.65 -21.12 -32.52
C ARG D 35 37.02 -19.85 -33.08
N SER D 36 37.57 -19.37 -34.17
CA SER D 36 36.98 -18.24 -34.86
C SER D 36 35.58 -18.63 -35.36
N GLY D 37 34.59 -17.81 -35.02
CA GLY D 37 33.21 -18.05 -35.42
C GLY D 37 32.47 -18.94 -34.42
N ALA D 38 33.06 -19.16 -33.26
CA ALA D 38 32.41 -19.94 -32.22
C ALA D 38 31.08 -19.29 -31.85
N THR D 39 30.07 -20.11 -31.59
CA THR D 39 28.78 -19.55 -31.23
C THR D 39 28.73 -19.25 -29.73
N VAL D 40 27.70 -18.53 -29.32
CA VAL D 40 27.46 -18.28 -27.90
C VAL D 40 27.16 -19.62 -27.22
N ALA D 41 26.57 -20.54 -27.97
CA ALA D 41 26.27 -21.87 -27.45
C ALA D 41 27.55 -22.68 -27.19
N GLU D 42 28.52 -22.62 -28.12
CA GLU D 42 29.83 -23.26 -27.94
C GLU D 42 30.57 -22.73 -26.72
N LEU D 43 30.44 -21.43 -26.47
CA LEU D 43 30.99 -20.77 -25.28
C LEU D 43 30.42 -21.36 -23.97
N ILE D 44 29.11 -21.22 -23.78
CA ILE D 44 28.43 -21.72 -22.59
C ILE D 44 28.65 -23.22 -22.35
N ASP D 45 28.54 -24.01 -23.42
CA ASP D 45 28.84 -25.44 -23.37
C ASP D 45 30.25 -25.67 -22.84
N GLY D 46 31.22 -24.88 -23.31
CA GLY D 46 32.58 -24.97 -22.84
C GLY D 46 32.68 -24.70 -21.34
N LEU D 47 31.99 -23.67 -20.87
CA LEU D 47 32.04 -23.34 -19.45
C LEU D 47 31.35 -24.42 -18.62
N SER D 48 30.27 -24.94 -19.15
CA SER D 48 29.48 -25.92 -18.45
C SER D 48 30.16 -27.24 -18.16
N VAL D 49 30.90 -27.76 -19.11
CA VAL D 49 31.55 -29.05 -18.99
C VAL D 49 32.57 -29.00 -17.88
N ARG D 50 33.24 -27.87 -17.79
CA ARG D 50 34.31 -27.61 -16.86
C ARG D 50 33.95 -27.62 -15.38
N ASP D 51 32.78 -27.16 -15.01
CA ASP D 51 32.32 -27.21 -13.65
C ASP D 51 30.88 -27.58 -13.51
N VAL D 52 30.56 -28.57 -12.69
CA VAL D 52 29.18 -28.98 -12.52
C VAL D 52 28.26 -27.93 -11.93
N ARG D 53 28.68 -27.28 -10.87
CA ARG D 53 27.84 -26.28 -10.25
C ARG D 53 27.59 -25.09 -11.13
N LEU D 54 28.61 -24.65 -11.82
CA LEU D 54 28.48 -23.51 -12.67
C LEU D 54 27.49 -23.77 -13.76
N ALA D 55 27.48 -24.99 -14.25
CA ALA D 55 26.59 -25.44 -15.28
C ALA D 55 25.17 -25.40 -14.82
N THR D 56 24.91 -25.79 -13.60
CA THR D 56 23.58 -25.71 -13.07
C THR D 56 23.10 -24.28 -12.97
N VAL D 57 23.94 -23.38 -12.50
CA VAL D 57 23.60 -21.98 -12.56
C VAL D 57 23.48 -21.50 -13.99
N LEU D 58 24.46 -21.82 -14.81
CA LEU D 58 24.44 -21.36 -16.21
C LEU D 58 23.14 -21.73 -16.96
N SER D 59 22.49 -22.83 -16.58
CA SER D 59 21.31 -23.29 -17.30
C SER D 59 20.03 -22.54 -16.93
N ARG D 60 20.14 -21.50 -16.12
CA ARG D 60 18.99 -20.64 -15.87
C ARG D 60 19.35 -19.18 -16.13
N CYS D 61 20.53 -18.96 -16.70
CA CYS D 61 20.99 -17.59 -16.93
C CYS D 61 20.48 -17.02 -18.23
N SER D 62 20.37 -15.71 -18.27
CA SER D 62 20.25 -15.04 -19.54
C SER D 62 21.64 -14.51 -19.85
N TYR D 63 21.86 -14.08 -21.08
CA TYR D 63 23.13 -13.57 -21.50
C TYR D 63 23.03 -12.27 -22.24
N LEU D 64 23.99 -11.39 -22.04
CA LEU D 64 24.06 -10.18 -22.81
C LEU D 64 25.31 -10.21 -23.64
N ARG D 65 25.25 -9.68 -24.84
CA ARG D 65 26.42 -9.60 -25.67
C ARG D 65 26.70 -8.17 -26.03
N ASP D 66 27.77 -7.65 -25.48
CA ASP D 66 28.13 -6.26 -25.64
C ASP D 66 26.92 -5.44 -25.24
N GLY D 67 26.23 -5.90 -24.22
CA GLY D 67 25.11 -5.23 -23.62
C GLY D 67 23.71 -5.52 -24.11
N ILE D 68 23.57 -6.26 -25.20
CA ILE D 68 22.26 -6.53 -25.76
C ILE D 68 21.90 -7.96 -25.48
N VAL D 69 20.69 -8.21 -25.07
CA VAL D 69 20.30 -9.53 -24.68
C VAL D 69 20.46 -10.45 -25.83
N VAL D 70 20.94 -11.65 -25.56
CA VAL D 70 21.17 -12.59 -26.60
C VAL D 70 19.89 -13.35 -26.78
N ARG D 71 19.22 -13.15 -27.90
CA ARG D 71 18.04 -13.93 -28.25
C ARG D 71 18.29 -15.35 -28.73
N ASP D 72 19.30 -15.53 -29.57
CA ASP D 72 19.57 -16.82 -30.16
C ASP D 72 21.01 -17.22 -29.90
N ASP D 73 21.23 -18.41 -29.39
CA ASP D 73 22.56 -18.80 -28.98
C ASP D 73 23.39 -19.38 -30.11
N ALA D 74 22.81 -19.42 -31.28
CA ALA D 74 23.49 -19.89 -32.47
C ALA D 74 24.24 -18.79 -33.15
N VAL D 75 24.18 -17.62 -32.56
CA VAL D 75 24.89 -16.46 -33.03
C VAL D 75 26.36 -16.61 -32.83
N ALA D 76 27.13 -16.15 -33.80
CA ALA D 76 28.57 -16.21 -33.76
C ALA D 76 29.17 -15.12 -32.95
N LEU D 77 30.34 -15.37 -32.40
CA LEU D 77 31.04 -14.37 -31.65
C LEU D 77 32.07 -13.67 -32.49
N SER D 78 32.47 -12.52 -32.03
CA SER D 78 33.44 -11.70 -32.70
C SER D 78 34.49 -11.58 -31.70
N ALA D 79 35.71 -11.34 -32.13
CA ALA D 79 36.78 -11.17 -31.22
C ALA D 79 36.54 -9.93 -30.41
N GLY D 80 36.85 -9.98 -29.13
CA GLY D 80 36.70 -8.86 -28.25
C GLY D 80 35.33 -8.66 -27.66
N ASP D 81 34.43 -9.57 -27.91
CA ASP D 81 33.08 -9.49 -27.41
C ASP D 81 33.11 -9.64 -25.94
N THR D 82 32.13 -9.08 -25.27
CA THR D 82 31.93 -9.34 -23.88
C THR D 82 30.60 -9.98 -23.68
N ILE D 83 30.56 -11.07 -22.96
CA ILE D 83 29.33 -11.75 -22.66
C ILE D 83 29.07 -11.63 -21.17
N ASP D 84 27.94 -11.07 -20.81
CA ASP D 84 27.53 -10.96 -19.43
C ASP D 84 26.67 -12.13 -19.05
N VAL D 85 26.95 -12.76 -17.94
CA VAL D 85 26.18 -13.92 -17.50
C VAL D 85 25.22 -13.58 -16.39
N LEU D 86 23.92 -13.54 -16.68
CA LEU D 86 22.91 -13.07 -15.73
C LEU D 86 22.05 -14.14 -15.12
N PRO D 87 22.34 -14.45 -13.78
CA PRO D 87 21.43 -15.43 -13.19
C PRO D 87 20.02 -14.92 -13.16
N PRO D 88 19.03 -15.71 -12.79
CA PRO D 88 17.71 -15.09 -12.67
C PRO D 88 17.62 -13.99 -11.63
N PHE D 89 16.90 -12.94 -11.93
CA PHE D 89 16.83 -11.78 -11.08
C PHE D 89 16.19 -12.05 -9.75
N ALA D 90 16.72 -11.43 -8.70
CA ALA D 90 16.16 -11.61 -7.38
C ALA D 90 16.10 -10.33 -6.57
N GLY D 91 15.41 -9.35 -7.08
CA GLY D 91 15.30 -8.07 -6.44
C GLY D 91 14.28 -8.04 -5.36
N GLY D 92 14.30 -6.99 -4.58
CA GLY D 92 13.34 -6.82 -3.51
C GLY D 92 13.84 -7.39 -2.23
#